data_5GIW
#
_entry.id   5GIW
#
_entity_poly.entity_id   1
_entity_poly.type   'polypeptide(L)'
_entity_poly.pdbx_seq_one_letter_code
;MAPRGFSCLLLLT(DSN)EIDLPVKRRA
;
_entity_poly.pdbx_strand_id   X
#
# COMPACT_ATOMS: atom_id res chain seq x y z
N MET A 1 6.53 7.54 -4.28
CA MET A 1 6.52 6.26 -3.57
C MET A 1 6.90 6.46 -2.11
N ALA A 2 6.26 5.69 -1.23
CA ALA A 2 6.55 5.78 0.20
C ALA A 2 7.90 5.15 0.52
N PRO A 3 8.45 5.44 1.66
CA PRO A 3 9.77 4.88 2.08
C PRO A 3 9.69 3.40 2.40
N ARG A 4 8.86 2.69 1.64
CA ARG A 4 8.69 1.26 1.86
C ARG A 4 8.62 0.93 3.34
N GLY A 5 7.72 1.62 4.04
CA GLY A 5 7.56 1.40 5.48
C GLY A 5 6.17 1.81 5.95
N PHE A 6 5.99 3.12 6.13
CA PHE A 6 4.70 3.63 6.57
C PHE A 6 3.56 3.01 5.77
N SER A 7 3.72 2.95 4.46
CA SER A 7 2.71 2.36 3.60
C SER A 7 2.91 0.86 3.46
N CYS A 8 4.04 0.38 3.98
CA CYS A 8 4.36 -1.04 3.91
C CYS A 8 3.62 -1.81 5.00
N LEU A 9 3.51 -1.20 6.17
CA LEU A 9 2.83 -1.85 7.30
C LEU A 9 1.32 -1.74 7.13
N LEU A 10 0.88 -0.74 6.36
CA LEU A 10 -0.56 -0.55 6.13
C LEU A 10 -1.06 -1.52 5.06
N LEU A 11 -0.13 -2.08 4.29
CA LEU A 11 -0.49 -3.03 3.24
C LEU A 11 -0.94 -4.35 3.83
N LEU A 12 -0.37 -4.70 4.98
CA LEU A 12 -0.73 -5.95 5.65
C LEU A 12 -2.12 -5.85 6.25
N THR A 13 -2.40 -4.74 6.92
CA THR A 13 -3.70 -4.53 7.53
C THR A 13 -4.80 -4.52 6.47
N GLU A 15 -5.16 -1.85 4.51
CA GLU A 15 -5.41 -0.44 4.25
C GLU A 15 -5.05 -0.08 2.80
N ILE A 16 -3.79 -0.32 2.44
CA ILE A 16 -3.34 -0.02 1.08
C ILE A 16 -3.34 -1.28 0.23
N ASP A 17 -4.53 -1.77 -0.09
CA ASP A 17 -4.66 -2.96 -0.90
C ASP A 17 -5.04 -2.60 -2.34
N LEU A 18 -4.59 -1.44 -2.78
CA LEU A 18 -4.89 -0.98 -4.13
C LEU A 18 -3.75 -1.33 -5.10
N PRO A 19 -2.51 -1.15 -4.69
CA PRO A 19 -1.35 -1.45 -5.56
C PRO A 19 -0.94 -2.93 -5.49
N VAL A 20 -1.88 -3.76 -5.05
CA VAL A 20 -1.61 -5.20 -4.94
C VAL A 20 -2.87 -5.99 -5.23
N LYS A 21 -3.61 -5.58 -6.26
CA LYS A 21 -4.85 -6.27 -6.63
C LYS A 21 -5.12 -6.09 -8.12
N ARG A 22 -5.37 -4.86 -8.53
CA ARG A 22 -5.65 -4.58 -9.94
C ARG A 22 -4.96 -3.29 -10.37
N ARG A 23 -4.96 -3.02 -11.68
CA ARG A 23 -4.33 -1.83 -12.20
C ARG A 23 -4.91 -0.58 -11.54
N ALA A 24 -6.22 -0.54 -11.39
CA ALA A 24 -6.89 0.60 -10.76
C ALA A 24 -6.38 1.90 -11.38
N MET A 1 5.30 3.93 -6.08
CA MET A 1 6.69 3.95 -5.64
C MET A 1 6.78 4.33 -4.17
N ALA A 2 5.83 3.86 -3.37
CA ALA A 2 5.81 4.16 -1.95
C ALA A 2 6.98 3.48 -1.25
N PRO A 3 7.31 3.92 -0.06
CA PRO A 3 8.44 3.35 0.73
C PRO A 3 8.12 1.93 1.23
N ARG A 4 8.94 1.44 2.16
CA ARG A 4 8.74 0.11 2.72
C ARG A 4 8.54 0.18 4.23
N GLY A 5 7.86 1.23 4.68
CA GLY A 5 7.61 1.41 6.10
C GLY A 5 6.17 1.85 6.36
N PHE A 6 5.95 3.17 6.33
CA PHE A 6 4.62 3.71 6.56
C PHE A 6 3.61 3.09 5.60
N SER A 7 4.04 2.87 4.36
CA SER A 7 3.18 2.28 3.35
C SER A 7 3.29 0.75 3.38
N CYS A 8 4.22 0.25 4.18
CA CYS A 8 4.42 -1.19 4.29
C CYS A 8 3.48 -1.79 5.33
N LEU A 9 3.36 -1.12 6.47
CA LEU A 9 2.50 -1.60 7.54
C LEU A 9 1.03 -1.41 7.17
N LEU A 10 0.78 -0.59 6.15
CA LEU A 10 -0.59 -0.33 5.70
C LEU A 10 -1.02 -1.36 4.67
N LEU A 11 -0.04 -2.08 4.11
CA LEU A 11 -0.32 -3.10 3.11
C LEU A 11 -0.70 -4.41 3.78
N LEU A 12 -0.01 -4.74 4.88
CA LEU A 12 -0.29 -5.96 5.61
C LEU A 12 -1.70 -5.93 6.20
N THR A 13 -2.02 -4.84 6.89
CA THR A 13 -3.33 -4.70 7.51
C THR A 13 -4.42 -4.88 6.47
N GLU A 15 -5.04 -1.79 4.29
CA GLU A 15 -5.35 -0.41 3.91
C GLU A 15 -5.05 -0.18 2.44
N ILE A 16 -3.79 -0.35 2.06
CA ILE A 16 -3.39 -0.16 0.66
C ILE A 16 -3.80 -1.36 -0.19
N ASP A 17 -5.07 -1.72 -0.11
CA ASP A 17 -5.58 -2.86 -0.87
C ASP A 17 -6.70 -2.42 -1.82
N LEU A 18 -7.05 -1.13 -1.74
CA LEU A 18 -8.09 -0.58 -2.59
C LEU A 18 -7.50 0.18 -3.78
N PRO A 19 -6.47 0.96 -3.58
CA PRO A 19 -5.83 1.73 -4.68
C PRO A 19 -4.84 0.91 -5.48
N VAL A 20 -4.71 -0.37 -5.12
CA VAL A 20 -3.79 -1.27 -5.82
C VAL A 20 -4.38 -1.70 -7.15
N LYS A 21 -5.21 -0.84 -7.74
CA LYS A 21 -5.83 -1.16 -9.02
C LYS A 21 -6.04 0.11 -9.84
N ARG A 22 -6.47 1.17 -9.18
CA ARG A 22 -6.70 2.44 -9.86
C ARG A 22 -5.45 3.31 -9.81
N ARG A 23 -4.43 2.90 -10.56
CA ARG A 23 -3.18 3.65 -10.59
C ARG A 23 -3.18 4.64 -11.77
N ALA A 24 -4.12 4.44 -12.70
CA ALA A 24 -4.21 5.31 -13.86
C ALA A 24 -2.93 5.25 -14.68
N MET A 1 4.44 4.73 -3.22
CA MET A 1 4.35 6.15 -2.92
C MET A 1 4.90 6.44 -1.53
N ALA A 2 5.85 5.61 -1.09
CA ALA A 2 6.46 5.79 0.22
C ALA A 2 7.81 5.09 0.27
N PRO A 3 8.63 5.43 1.24
CA PRO A 3 9.98 4.80 1.40
C PRO A 3 9.89 3.35 1.88
N ARG A 4 8.88 2.66 1.38
CA ARG A 4 8.67 1.25 1.75
C ARG A 4 8.66 1.10 3.27
N GLY A 5 7.62 1.63 3.90
CA GLY A 5 7.50 1.54 5.36
C GLY A 5 6.09 1.94 5.80
N PHE A 6 5.85 3.24 5.88
CA PHE A 6 4.54 3.74 6.30
C PHE A 6 3.43 2.98 5.58
N SER A 7 3.59 2.79 4.28
CA SER A 7 2.58 2.09 3.50
C SER A 7 2.84 0.58 3.53
N CYS A 8 4.02 0.20 4.01
CA CYS A 8 4.38 -1.21 4.10
C CYS A 8 3.67 -1.88 5.26
N LEU A 9 3.59 -1.17 6.39
CA LEU A 9 2.92 -1.70 7.58
C LEU A 9 1.41 -1.62 7.43
N LEU A 10 0.96 -0.76 6.51
CA LEU A 10 -0.47 -0.61 6.28
C LEU A 10 -0.96 -1.64 5.27
N LEU A 11 -0.03 -2.28 4.58
CA LEU A 11 -0.38 -3.29 3.59
C LEU A 11 -0.74 -4.60 4.27
N LEU A 12 -0.17 -4.82 5.45
CA LEU A 12 -0.45 -6.03 6.21
C LEU A 12 -1.87 -6.03 6.76
N THR A 13 -2.46 -4.84 6.82
CA THR A 13 -3.82 -4.70 7.33
C THR A 13 -4.82 -4.71 6.19
N GLU A 15 -5.02 -1.94 4.16
CA GLU A 15 -5.35 -0.52 3.94
C GLU A 15 -4.97 -0.11 2.51
N ILE A 16 -3.68 -0.08 2.24
CA ILE A 16 -3.20 0.31 0.91
C ILE A 16 -3.37 -0.84 -0.07
N ASP A 17 -4.60 -1.31 -0.21
CA ASP A 17 -4.88 -2.42 -1.13
C ASP A 17 -6.05 -2.06 -2.05
N LEU A 18 -6.75 -0.98 -1.71
CA LEU A 18 -7.89 -0.54 -2.51
C LEU A 18 -7.51 0.64 -3.41
N PRO A 19 -6.75 1.60 -2.91
CA PRO A 19 -6.34 2.78 -3.70
C PRO A 19 -5.10 2.52 -4.55
N VAL A 20 -4.76 1.25 -4.70
CA VAL A 20 -3.59 0.87 -5.50
C VAL A 20 -4.03 0.34 -6.86
N LYS A 21 -5.16 0.82 -7.34
CA LYS A 21 -5.67 0.39 -8.63
C LYS A 21 -6.48 1.51 -9.30
N ARG A 22 -6.37 1.60 -10.62
CA ARG A 22 -7.08 2.64 -11.36
C ARG A 22 -8.32 2.06 -12.03
N ARG A 23 -9.04 2.90 -12.76
CA ARG A 23 -10.25 2.46 -13.45
C ARG A 23 -10.33 3.07 -14.84
N ALA A 24 -9.46 4.04 -15.11
CA ALA A 24 -9.44 4.69 -16.42
C ALA A 24 -8.01 4.94 -16.87
N MET A 1 5.72 9.28 -0.37
CA MET A 1 5.59 8.41 -1.53
C MET A 1 6.10 7.01 -1.23
N ALA A 2 5.36 6.29 -0.38
CA ALA A 2 5.75 4.94 -0.01
C ALA A 2 7.26 4.85 0.22
N PRO A 3 7.71 5.39 1.31
CA PRO A 3 9.16 5.39 1.69
C PRO A 3 9.57 4.07 2.36
N ARG A 4 8.98 2.97 1.91
CA ARG A 4 9.29 1.67 2.47
C ARG A 4 9.10 1.67 3.98
N GLY A 5 7.88 1.40 4.42
CA GLY A 5 7.57 1.38 5.85
C GLY A 5 6.15 1.84 6.10
N PHE A 6 5.95 3.16 6.09
CA PHE A 6 4.62 3.72 6.33
C PHE A 6 3.57 3.00 5.48
N SER A 7 3.86 2.86 4.19
CA SER A 7 2.93 2.18 3.29
C SER A 7 3.15 0.67 3.34
N CYS A 8 4.11 0.24 4.14
CA CYS A 8 4.42 -1.19 4.27
C CYS A 8 3.56 -1.81 5.36
N LEU A 9 3.40 -1.09 6.47
CA LEU A 9 2.60 -1.60 7.58
C LEU A 9 1.11 -1.52 7.26
N LEU A 10 0.77 -0.65 6.30
CA LEU A 10 -0.62 -0.49 5.91
C LEU A 10 -1.04 -1.60 4.94
N LEU A 11 -0.04 -2.23 4.32
CA LEU A 11 -0.31 -3.31 3.37
C LEU A 11 -0.59 -4.61 4.11
N LEU A 12 -0.03 -4.74 5.31
CA LEU A 12 -0.23 -5.94 6.10
C LEU A 12 -1.61 -5.95 6.73
N THR A 13 -2.25 -4.78 6.78
CA THR A 13 -3.57 -4.68 7.36
C THR A 13 -4.64 -4.72 6.26
N GLU A 15 -5.00 -1.96 4.21
CA GLU A 15 -5.38 -0.57 3.99
C GLU A 15 -5.12 -0.16 2.55
N ILE A 16 -3.84 -0.10 2.18
CA ILE A 16 -3.47 0.28 0.82
C ILE A 16 -3.68 -0.90 -0.14
N ASP A 17 -4.90 -1.40 -0.18
CA ASP A 17 -5.24 -2.52 -1.05
C ASP A 17 -6.49 -2.20 -1.87
N LEU A 18 -7.20 -1.16 -1.47
CA LEU A 18 -8.41 -0.75 -2.18
C LEU A 18 -8.11 0.38 -3.17
N PRO A 19 -7.32 1.35 -2.78
CA PRO A 19 -6.98 2.50 -3.67
C PRO A 19 -5.80 2.18 -4.59
N VAL A 20 -5.48 0.90 -4.70
CA VAL A 20 -4.37 0.47 -5.56
C VAL A 20 -4.90 -0.08 -6.87
N LYS A 21 -5.94 0.56 -7.40
CA LYS A 21 -6.53 0.12 -8.66
C LYS A 21 -7.51 1.16 -9.19
N ARG A 22 -8.16 1.87 -8.27
CA ARG A 22 -9.13 2.90 -8.66
C ARG A 22 -8.42 4.03 -9.41
N ARG A 23 -7.32 4.52 -8.86
CA ARG A 23 -6.57 5.60 -9.48
C ARG A 23 -5.07 5.33 -9.38
N ALA A 24 -4.52 5.53 -8.19
CA ALA A 24 -3.09 5.32 -7.96
C ALA A 24 -2.76 5.44 -6.49
N MET A 1 4.84 4.55 -6.28
CA MET A 1 3.93 3.57 -5.72
C MET A 1 4.06 3.51 -4.20
N ALA A 2 3.80 4.63 -3.54
CA ALA A 2 3.89 4.70 -2.09
C ALA A 2 5.28 4.28 -1.63
N PRO A 3 5.64 4.61 -0.42
CA PRO A 3 6.98 4.26 0.16
C PRO A 3 7.10 2.75 0.41
N ARG A 4 8.13 2.37 1.17
CA ARG A 4 8.36 0.97 1.48
C ARG A 4 8.39 0.76 3.00
N GLY A 5 7.56 1.53 3.71
CA GLY A 5 7.49 1.42 5.16
C GLY A 5 6.13 1.84 5.68
N PHE A 6 5.92 3.15 5.77
CA PHE A 6 4.65 3.67 6.26
C PHE A 6 3.48 2.98 5.56
N SER A 7 3.56 2.90 4.24
CA SER A 7 2.50 2.26 3.45
C SER A 7 2.71 0.75 3.42
N CYS A 8 3.84 0.30 3.94
CA CYS A 8 4.15 -1.13 3.95
C CYS A 8 3.45 -1.81 5.12
N LEU A 9 3.53 -1.20 6.30
CA LEU A 9 2.90 -1.76 7.48
C LEU A 9 1.39 -1.68 7.37
N LEU A 10 0.90 -0.77 6.54
CA LEU A 10 -0.54 -0.62 6.35
C LEU A 10 -1.06 -1.65 5.36
N LEU A 11 -0.15 -2.29 4.64
CA LEU A 11 -0.52 -3.30 3.67
C LEU A 11 -0.83 -4.63 4.37
N LEU A 12 -0.20 -4.84 5.52
CA LEU A 12 -0.42 -6.07 6.27
C LEU A 12 -1.84 -6.10 6.84
N THR A 13 -2.49 -4.95 6.86
CA THR A 13 -3.85 -4.87 7.37
C THR A 13 -4.85 -4.86 6.22
N GLU A 15 -5.06 -1.92 4.18
CA GLU A 15 -5.45 -0.53 4.02
C GLU A 15 -5.07 -0.01 2.64
N ILE A 16 -3.77 0.05 2.36
CA ILE A 16 -3.29 0.53 1.07
C ILE A 16 -3.16 -0.63 0.07
N ASP A 17 -4.27 -1.32 -0.17
CA ASP A 17 -4.28 -2.43 -1.11
C ASP A 17 -5.08 -2.08 -2.36
N LEU A 18 -5.83 -0.98 -2.28
CA LEU A 18 -6.64 -0.53 -3.41
C LEU A 18 -5.99 0.64 -4.14
N PRO A 19 -5.42 1.58 -3.41
CA PRO A 19 -4.77 2.77 -4.02
C PRO A 19 -3.38 2.46 -4.57
N VAL A 20 -3.07 1.18 -4.73
CA VAL A 20 -1.77 0.78 -5.26
C VAL A 20 -1.87 0.50 -6.75
N LYS A 21 -2.83 1.14 -7.40
CA LYS A 21 -3.04 0.96 -8.83
C LYS A 21 -3.22 2.31 -9.53
N ARG A 22 -3.83 3.25 -8.83
CA ARG A 22 -4.05 4.58 -9.39
C ARG A 22 -2.98 5.55 -8.91
N ARG A 23 -3.29 6.84 -8.97
CA ARG A 23 -2.34 7.86 -8.54
C ARG A 23 -0.97 7.61 -9.16
N ALA A 24 0.07 7.90 -8.40
CA ALA A 24 1.43 7.71 -8.89
C ALA A 24 1.63 8.43 -10.23
N MET A 1 4.27 5.18 -4.95
CA MET A 1 5.45 4.63 -4.30
C MET A 1 5.53 5.11 -2.85
N ALA A 2 6.19 4.31 -2.01
CA ALA A 2 6.33 4.66 -0.60
C ALA A 2 7.70 4.25 -0.08
N PRO A 3 8.11 4.78 1.04
CA PRO A 3 9.43 4.44 1.65
C PRO A 3 9.46 3.03 2.20
N ARG A 4 8.79 2.12 1.51
CA ARG A 4 8.73 0.72 1.95
C ARG A 4 8.56 0.63 3.46
N GLY A 5 7.69 1.47 4.01
CA GLY A 5 7.45 1.48 5.44
C GLY A 5 6.02 1.92 5.75
N PHE A 6 5.79 3.23 5.69
CA PHE A 6 4.46 3.77 5.96
C PHE A 6 3.40 2.98 5.23
N SER A 7 3.62 2.74 3.93
CA SER A 7 2.66 1.99 3.13
C SER A 7 2.90 0.50 3.26
N CYS A 8 3.96 0.14 3.98
CA CYS A 8 4.31 -1.27 4.17
C CYS A 8 3.54 -1.85 5.35
N LEU A 9 3.42 -1.08 6.43
CA LEU A 9 2.71 -1.53 7.61
C LEU A 9 1.20 -1.49 7.38
N LEU A 10 0.78 -0.71 6.40
CA LEU A 10 -0.64 -0.59 6.09
C LEU A 10 -1.08 -1.75 5.18
N LEU A 11 -0.11 -2.37 4.51
CA LEU A 11 -0.41 -3.48 3.62
C LEU A 11 -0.71 -4.74 4.43
N LEU A 12 -0.06 -4.87 5.58
CA LEU A 12 -0.26 -6.04 6.44
C LEU A 12 -1.64 -6.00 7.08
N THR A 13 -2.49 -5.10 6.59
CA THR A 13 -3.84 -4.96 7.14
C THR A 13 -4.85 -4.75 6.01
N GLU A 15 -5.07 -1.94 4.46
CA GLU A 15 -5.41 -0.51 4.48
C GLU A 15 -5.10 0.13 3.14
N ILE A 16 -3.91 -0.17 2.63
CA ILE A 16 -3.49 0.39 1.33
C ILE A 16 -3.36 -0.73 0.30
N ASP A 17 -4.50 -1.18 -0.21
CA ASP A 17 -4.51 -2.24 -1.21
C ASP A 17 -4.78 -1.65 -2.60
N LEU A 18 -4.31 -0.44 -2.80
CA LEU A 18 -4.50 0.25 -4.08
C LEU A 18 -3.27 0.11 -4.97
N PRO A 19 -2.09 0.23 -4.42
CA PRO A 19 -0.83 0.11 -5.21
C PRO A 19 -0.47 -1.34 -5.51
N VAL A 20 -1.36 -2.25 -5.16
CA VAL A 20 -1.13 -3.67 -5.40
C VAL A 20 -1.57 -4.04 -6.82
N LYS A 21 -1.53 -3.06 -7.71
CA LYS A 21 -1.92 -3.28 -9.10
C LYS A 21 -1.05 -2.45 -10.04
N ARG A 22 -0.33 -1.49 -9.47
CA ARG A 22 0.54 -0.63 -10.27
C ARG A 22 -0.28 0.28 -11.18
N ARG A 23 -1.37 0.83 -10.63
CA ARG A 23 -2.23 1.72 -11.40
C ARG A 23 -1.99 3.17 -11.00
N ALA A 24 -1.62 3.38 -9.74
CA ALA A 24 -1.35 4.72 -9.24
C ALA A 24 0.02 5.21 -9.72
N MET A 1 6.22 5.36 -6.61
CA MET A 1 6.79 4.33 -5.76
C MET A 1 6.57 4.66 -4.28
N ALA A 2 6.09 3.68 -3.52
CA ALA A 2 5.85 3.88 -2.11
C ALA A 2 7.07 3.47 -1.28
N PRO A 3 7.15 3.90 -0.05
CA PRO A 3 8.30 3.57 0.85
C PRO A 3 8.29 2.10 1.25
N ARG A 4 9.08 1.77 2.26
CA ARG A 4 9.18 0.39 2.74
C ARG A 4 8.82 0.33 4.23
N GLY A 5 7.91 1.19 4.65
CA GLY A 5 7.49 1.22 6.05
C GLY A 5 6.07 1.78 6.18
N PHE A 6 5.95 3.09 6.10
CA PHE A 6 4.64 3.73 6.22
C PHE A 6 3.62 3.04 5.33
N SER A 7 4.03 2.71 4.11
CA SER A 7 3.14 2.03 3.17
C SER A 7 3.27 0.51 3.32
N CYS A 8 4.21 0.08 4.15
CA CYS A 8 4.42 -1.34 4.37
C CYS A 8 3.46 -1.88 5.44
N LEU A 9 3.20 -1.05 6.45
CA LEU A 9 2.30 -1.44 7.54
C LEU A 9 0.85 -1.29 7.11
N LEU A 10 0.61 -0.47 6.08
CA LEU A 10 -0.74 -0.26 5.58
C LEU A 10 -1.13 -1.37 4.63
N LEU A 11 -0.12 -2.00 4.03
CA LEU A 11 -0.37 -3.09 3.09
C LEU A 11 -0.52 -4.41 3.84
N LEU A 12 -0.02 -4.45 5.07
CA LEU A 12 -0.11 -5.66 5.89
C LEU A 12 -1.56 -5.95 6.27
N THR A 13 -2.12 -5.08 7.10
CA THR A 13 -3.51 -5.24 7.53
C THR A 13 -4.44 -5.28 6.33
N GLU A 15 -4.96 -1.80 4.45
CA GLU A 15 -5.43 -0.42 4.35
C GLU A 15 -5.34 0.06 2.91
N ILE A 16 -4.15 -0.05 2.32
CA ILE A 16 -3.95 0.38 0.94
C ILE A 16 -3.75 -0.83 0.03
N ASP A 17 -4.83 -1.54 -0.25
CA ASP A 17 -4.77 -2.73 -1.10
C ASP A 17 -5.66 -2.56 -2.33
N LEU A 18 -6.18 -1.34 -2.50
CA LEU A 18 -7.05 -1.05 -3.64
C LEU A 18 -6.26 -0.44 -4.80
N PRO A 19 -5.36 0.49 -4.53
CA PRO A 19 -4.56 1.14 -5.59
C PRO A 19 -3.33 0.33 -5.98
N VAL A 20 -3.01 -0.68 -5.16
CA VAL A 20 -1.85 -1.52 -5.43
C VAL A 20 -2.25 -2.74 -6.26
N LYS A 21 -3.25 -2.56 -7.11
CA LYS A 21 -3.73 -3.65 -7.96
C LYS A 21 -4.10 -3.13 -9.34
N ARG A 22 -5.06 -2.21 -9.38
CA ARG A 22 -5.49 -1.64 -10.65
C ARG A 22 -6.13 -0.28 -10.43
N ARG A 23 -5.93 0.63 -11.39
CA ARG A 23 -6.49 1.97 -11.29
C ARG A 23 -6.60 2.61 -12.67
N ALA A 24 -5.47 2.68 -13.38
CA ALA A 24 -5.46 3.27 -14.71
C ALA A 24 -4.60 2.44 -15.66
N MET A 1 7.13 2.85 -4.42
CA MET A 1 8.49 3.28 -4.10
C MET A 1 8.52 3.96 -2.73
N ALA A 2 7.91 3.32 -1.75
CA ALA A 2 7.87 3.86 -0.39
C ALA A 2 9.07 3.37 0.41
N PRO A 3 9.37 4.03 1.50
CA PRO A 3 10.53 3.65 2.38
C PRO A 3 10.27 2.33 3.11
N ARG A 4 9.59 1.41 2.44
CA ARG A 4 9.29 0.11 3.03
C ARG A 4 8.88 0.27 4.49
N GLY A 5 7.89 1.13 4.74
CA GLY A 5 7.42 1.37 6.10
C GLY A 5 5.99 1.89 6.10
N PHE A 6 5.84 3.19 5.82
CA PHE A 6 4.53 3.80 5.80
C PHE A 6 3.56 2.95 4.98
N SER A 7 4.00 2.52 3.80
CA SER A 7 3.17 1.70 2.93
C SER A 7 3.30 0.22 3.31
N CYS A 8 4.24 -0.07 4.20
CA CYS A 8 4.46 -1.44 4.63
C CYS A 8 3.43 -1.85 5.67
N LEU A 9 3.17 -0.96 6.62
CA LEU A 9 2.19 -1.24 7.68
C LEU A 9 0.77 -1.26 7.11
N LEU A 10 0.57 -0.53 6.01
CA LEU A 10 -0.74 -0.47 5.37
C LEU A 10 -1.01 -1.77 4.61
N LEU A 11 -0.02 -2.22 3.85
CA LEU A 11 -0.18 -3.45 3.06
C LEU A 11 -0.34 -4.65 3.99
N LEU A 12 0.04 -4.48 5.24
CA LEU A 12 -0.07 -5.56 6.22
C LEU A 12 -1.54 -5.89 6.49
N THR A 13 -2.22 -4.99 7.19
CA THR A 13 -3.63 -5.18 7.52
C THR A 13 -4.47 -5.20 6.25
N GLU A 15 -5.05 -1.94 4.42
CA GLU A 15 -5.73 -0.65 4.42
C GLU A 15 -5.63 0.00 3.04
N ILE A 16 -4.41 0.14 2.54
CA ILE A 16 -4.19 0.74 1.22
C ILE A 16 -3.78 -0.33 0.21
N ASP A 17 -4.73 -1.17 -0.17
CA ASP A 17 -4.47 -2.23 -1.12
C ASP A 17 -5.39 -2.10 -2.33
N LEU A 18 -6.13 -1.00 -2.37
CA LEU A 18 -7.06 -0.74 -3.47
C LEU A 18 -6.41 0.11 -4.57
N PRO A 19 -5.65 1.11 -4.20
CA PRO A 19 -4.99 1.99 -5.20
C PRO A 19 -3.71 1.39 -5.76
N VAL A 20 -3.41 0.16 -5.34
CA VAL A 20 -2.20 -0.53 -5.81
C VAL A 20 -2.46 -2.03 -5.92
N LYS A 21 -3.67 -2.37 -6.37
CA LYS A 21 -4.03 -3.78 -6.52
C LYS A 21 -2.99 -4.51 -7.37
N ARG A 22 -3.13 -4.39 -8.69
CA ARG A 22 -2.20 -5.05 -9.59
C ARG A 22 -0.75 -4.76 -9.19
N ARG A 23 0.15 -5.66 -9.55
CA ARG A 23 1.56 -5.49 -9.22
C ARG A 23 2.32 -4.93 -10.40
N ALA A 24 2.75 -3.68 -10.28
CA ALA A 24 3.50 -3.03 -11.35
C ALA A 24 4.70 -3.87 -11.75
N MET A 1 3.95 8.19 -2.77
CA MET A 1 3.46 7.90 -1.43
C MET A 1 3.84 6.48 -1.01
N ALA A 2 5.12 6.28 -0.74
CA ALA A 2 5.62 4.97 -0.33
C ALA A 2 7.04 5.06 0.18
N PRO A 3 7.22 5.50 1.41
CA PRO A 3 8.56 5.64 2.03
C PRO A 3 9.07 4.33 2.61
N ARG A 4 8.75 3.23 1.93
CA ARG A 4 9.17 1.91 2.37
C ARG A 4 9.02 1.77 3.87
N GLY A 5 7.94 2.33 4.41
CA GLY A 5 7.67 2.26 5.84
C GLY A 5 6.18 2.23 6.11
N PHE A 6 5.47 3.28 5.71
CA PHE A 6 4.03 3.36 5.91
C PHE A 6 3.32 2.32 5.06
N SER A 7 3.39 2.50 3.75
CA SER A 7 2.75 1.56 2.82
C SER A 7 3.15 0.12 3.15
N CYS A 8 4.14 -0.02 4.01
CA CYS A 8 4.62 -1.35 4.41
C CYS A 8 3.74 -1.96 5.50
N LEU A 9 3.52 -1.19 6.56
CA LEU A 9 2.70 -1.67 7.68
C LEU A 9 1.21 -1.48 7.39
N LEU A 10 0.90 -0.77 6.31
CA LEU A 10 -0.50 -0.53 5.94
C LEU A 10 -0.99 -1.63 5.00
N LEU A 11 -0.06 -2.36 4.41
CA LEU A 11 -0.41 -3.44 3.49
C LEU A 11 -0.66 -4.74 4.25
N LEU A 12 -0.12 -4.83 5.46
CA LEU A 12 -0.30 -6.01 6.28
C LEU A 12 -1.78 -6.18 6.67
N THR A 13 -2.45 -5.06 6.90
CA THR A 13 -3.86 -5.10 7.28
C THR A 13 -4.74 -5.05 6.04
N GLU A 15 -5.01 -1.67 4.47
CA GLU A 15 -5.30 -0.24 4.36
C GLU A 15 -4.98 0.26 2.95
N ILE A 16 -3.79 -0.08 2.46
CA ILE A 16 -3.37 0.33 1.13
C ILE A 16 -3.46 -0.84 0.16
N ASP A 17 -4.70 -1.19 -0.21
CA ASP A 17 -4.93 -2.29 -1.14
C ASP A 17 -5.65 -1.79 -2.39
N LEU A 18 -5.50 -0.50 -2.67
CA LEU A 18 -6.13 0.11 -3.83
C LEU A 18 -5.16 0.18 -5.02
N PRO A 19 -3.92 0.54 -4.79
CA PRO A 19 -2.92 0.64 -5.89
C PRO A 19 -2.32 -0.71 -6.25
N VAL A 20 -3.05 -1.78 -5.92
CA VAL A 20 -2.60 -3.14 -6.21
C VAL A 20 -3.64 -3.85 -7.07
N LYS A 21 -4.39 -3.08 -7.84
CA LYS A 21 -5.42 -3.64 -8.71
C LYS A 21 -4.87 -3.89 -10.11
N ARG A 22 -4.51 -2.81 -10.79
CA ARG A 22 -3.96 -2.92 -12.15
C ARG A 22 -2.96 -4.07 -12.23
N ARG A 23 -1.87 -3.95 -11.47
CA ARG A 23 -0.84 -4.98 -11.46
C ARG A 23 -1.38 -6.27 -10.87
N ALA A 24 -1.00 -7.40 -11.47
CA ALA A 24 -1.46 -8.70 -10.98
C ALA A 24 -0.54 -9.21 -9.89
N MET A 1 8.25 10.60 1.10
CA MET A 1 7.30 10.08 0.14
C MET A 1 7.40 8.56 0.05
N ALA A 2 6.56 7.87 0.80
CA ALA A 2 6.56 6.41 0.80
C ALA A 2 7.92 5.87 1.25
N PRO A 3 8.15 5.82 2.54
CA PRO A 3 9.43 5.32 3.11
C PRO A 3 9.48 3.81 3.19
N ARG A 4 8.87 3.14 2.22
CA ARG A 4 8.85 1.69 2.17
C ARG A 4 8.52 1.12 3.56
N GLY A 5 7.90 1.95 4.40
CA GLY A 5 7.53 1.52 5.74
C GLY A 5 6.10 1.91 6.07
N PHE A 6 5.87 3.21 6.28
CA PHE A 6 4.54 3.70 6.60
C PHE A 6 3.50 3.09 5.67
N SER A 7 3.87 2.89 4.41
CA SER A 7 2.96 2.31 3.44
C SER A 7 3.16 0.81 3.32
N CYS A 8 4.18 0.30 4.01
CA CYS A 8 4.48 -1.12 3.96
C CYS A 8 3.74 -1.86 5.08
N LEU A 9 3.59 -1.21 6.22
CA LEU A 9 2.91 -1.83 7.35
C LEU A 9 1.40 -1.69 7.20
N LEU A 10 0.97 -0.81 6.29
CA LEU A 10 -0.45 -0.60 6.06
C LEU A 10 -0.96 -1.56 5.00
N LEU A 11 -0.04 -2.17 4.26
CA LEU A 11 -0.41 -3.11 3.21
C LEU A 11 -0.98 -4.38 3.81
N LEU A 12 -0.39 -4.83 4.92
CA LEU A 12 -0.85 -6.04 5.59
C LEU A 12 -2.24 -5.82 6.18
N THR A 13 -2.39 -4.75 6.95
CA THR A 13 -3.67 -4.44 7.58
C THR A 13 -4.79 -4.46 6.54
N GLU A 15 -5.09 -1.86 4.44
CA GLU A 15 -5.34 -0.45 4.14
C GLU A 15 -5.02 -0.14 2.68
N ILE A 16 -3.77 -0.35 2.31
CA ILE A 16 -3.34 -0.07 0.94
C ILE A 16 -3.52 -1.31 0.07
N ASP A 17 -4.77 -1.74 -0.08
CA ASP A 17 -5.07 -2.91 -0.89
C ASP A 17 -5.62 -2.50 -2.25
N LEU A 18 -5.14 -1.36 -2.75
CA LEU A 18 -5.58 -0.85 -4.04
C LEU A 18 -4.56 -1.11 -5.14
N PRO A 19 -3.28 -0.94 -4.87
CA PRO A 19 -2.22 -1.15 -5.90
C PRO A 19 -1.88 -2.63 -6.10
N VAL A 20 -2.72 -3.51 -5.55
CA VAL A 20 -2.50 -4.94 -5.68
C VAL A 20 -3.24 -5.47 -6.91
N LYS A 21 -3.45 -4.59 -7.88
CA LYS A 21 -4.16 -4.96 -9.10
C LYS A 21 -3.54 -4.25 -10.31
N ARG A 22 -2.92 -3.10 -10.05
CA ARG A 22 -2.31 -2.32 -11.12
C ARG A 22 -0.79 -2.52 -11.10
N ARG A 23 -0.09 -1.74 -11.91
CA ARG A 23 1.36 -1.84 -11.97
C ARG A 23 2.01 -1.10 -10.81
N ALA A 24 1.43 0.02 -10.43
CA ALA A 24 1.95 0.82 -9.31
C ALA A 24 0.81 1.39 -8.47
N MET A 1 4.56 2.29 -6.63
CA MET A 1 5.73 2.30 -5.77
C MET A 1 5.47 3.14 -4.52
N ALA A 2 6.19 2.84 -3.45
CA ALA A 2 6.04 3.58 -2.20
C ALA A 2 7.11 3.16 -1.20
N PRO A 3 7.25 3.88 -0.11
CA PRO A 3 8.26 3.56 0.94
C PRO A 3 8.27 2.08 1.32
N ARG A 4 9.07 1.75 2.31
CA ARG A 4 9.19 0.37 2.77
C ARG A 4 8.84 0.27 4.26
N GLY A 5 7.85 1.07 4.67
CA GLY A 5 7.43 1.07 6.08
C GLY A 5 6.03 1.65 6.22
N PHE A 6 5.94 2.98 6.27
CA PHE A 6 4.66 3.64 6.39
C PHE A 6 3.61 2.98 5.49
N SER A 7 3.98 2.75 4.24
CA SER A 7 3.07 2.13 3.29
C SER A 7 3.18 0.60 3.37
N CYS A 8 4.14 0.12 4.15
CA CYS A 8 4.33 -1.32 4.31
C CYS A 8 3.37 -1.87 5.35
N LEU A 9 3.13 -1.11 6.41
CA LEU A 9 2.24 -1.55 7.47
C LEU A 9 0.78 -1.36 7.05
N LEU A 10 0.56 -0.47 6.08
CA LEU A 10 -0.79 -0.20 5.59
C LEU A 10 -1.20 -1.27 4.58
N LEU A 11 -0.21 -1.91 3.97
CA LEU A 11 -0.47 -2.96 2.99
C LEU A 11 -0.69 -4.29 3.67
N LEU A 12 0.06 -4.54 4.73
CA LEU A 12 -0.06 -5.79 5.48
C LEU A 12 -1.43 -5.88 6.15
N THR A 13 -1.79 -4.83 6.88
CA THR A 13 -3.08 -4.81 7.56
C THR A 13 -4.21 -4.98 6.56
N GLU A 15 -5.07 -1.77 4.43
CA GLU A 15 -5.54 -0.40 4.22
C GLU A 15 -5.37 0.01 2.76
N ILE A 16 -4.14 -0.09 2.26
CA ILE A 16 -3.87 0.29 0.88
C ILE A 16 -3.70 -0.95 0.00
N ASP A 17 -4.75 -1.77 -0.06
CA ASP A 17 -4.72 -2.98 -0.87
C ASP A 17 -5.40 -2.76 -2.20
N LEU A 18 -6.54 -2.08 -2.17
CA LEU A 18 -7.30 -1.79 -3.38
C LEU A 18 -7.01 -0.38 -3.90
N PRO A 19 -6.91 0.58 -3.04
CA PRO A 19 -6.63 1.98 -3.44
C PRO A 19 -5.17 2.19 -3.82
N VAL A 20 -4.48 1.07 -4.08
CA VAL A 20 -3.07 1.13 -4.46
C VAL A 20 -2.95 1.21 -5.98
N LYS A 21 -4.00 1.72 -6.61
CA LYS A 21 -4.00 1.86 -8.07
C LYS A 21 -4.93 2.99 -8.50
N ARG A 22 -6.16 2.97 -7.98
CA ARG A 22 -7.12 4.01 -8.32
C ARG A 22 -6.81 5.30 -7.58
N ARG A 23 -6.77 6.41 -8.31
CA ARG A 23 -6.48 7.70 -7.71
C ARG A 23 -7.77 8.51 -7.53
N ALA A 24 -8.58 8.56 -8.58
CA ALA A 24 -9.84 9.31 -8.52
C ALA A 24 -9.59 10.74 -8.08
N MET A 1 3.35 4.62 -6.50
CA MET A 1 4.64 4.90 -5.86
C MET A 1 4.45 5.13 -4.36
N ALA A 2 5.06 4.26 -3.56
CA ALA A 2 4.96 4.38 -2.11
C ALA A 2 6.27 3.95 -1.45
N PRO A 3 6.46 4.31 -0.21
CA PRO A 3 7.70 3.97 0.55
C PRO A 3 7.76 2.47 0.87
N ARG A 4 8.67 2.11 1.77
CA ARG A 4 8.84 0.71 2.16
C ARG A 4 8.65 0.56 3.67
N GLY A 5 7.75 1.35 4.24
CA GLY A 5 7.49 1.30 5.66
C GLY A 5 6.09 1.81 5.99
N PHE A 6 5.94 3.12 6.00
CA PHE A 6 4.64 3.73 6.29
C PHE A 6 3.54 3.05 5.49
N SER A 7 3.78 2.88 4.18
CA SER A 7 2.81 2.24 3.32
C SER A 7 2.97 0.72 3.35
N CYS A 8 4.01 0.26 4.03
CA CYS A 8 4.27 -1.18 4.14
C CYS A 8 3.42 -1.79 5.25
N LEU A 9 3.35 -1.12 6.39
CA LEU A 9 2.57 -1.61 7.52
C LEU A 9 1.08 -1.51 7.22
N LEU A 10 0.72 -0.60 6.31
CA LEU A 10 -0.68 -0.42 5.94
C LEU A 10 -1.13 -1.53 4.99
N LEU A 11 -0.16 -2.20 4.38
CA LEU A 11 -0.46 -3.28 3.45
C LEU A 11 -0.94 -4.52 4.20
N LEU A 12 -0.04 -5.10 5.00
CA LEU A 12 -0.37 -6.29 5.77
C LEU A 12 -1.67 -6.10 6.53
N THR A 13 -2.16 -4.86 6.57
CA THR A 13 -3.39 -4.55 7.27
C THR A 13 -4.56 -4.51 6.28
N GLU A 15 -5.17 -1.79 4.55
CA GLU A 15 -5.46 -0.37 4.38
C GLU A 15 -5.15 0.07 2.95
N ILE A 16 -3.93 -0.22 2.50
CA ILE A 16 -3.51 0.14 1.15
C ILE A 16 -3.47 -1.09 0.26
N ASP A 17 -4.65 -1.58 -0.12
CA ASP A 17 -4.74 -2.76 -0.97
C ASP A 17 -5.10 -2.36 -2.40
N LEU A 18 -4.67 -1.17 -2.80
CA LEU A 18 -4.94 -0.67 -4.14
C LEU A 18 -3.77 -0.95 -5.08
N PRO A 19 -2.55 -0.74 -4.64
CA PRO A 19 -1.35 -0.98 -5.47
C PRO A 19 -0.90 -2.43 -5.45
N VAL A 20 -1.78 -3.31 -5.00
CA VAL A 20 -1.48 -4.74 -4.94
C VAL A 20 -2.70 -5.58 -5.24
N LYS A 21 -3.21 -5.45 -6.46
CA LYS A 21 -4.39 -6.21 -6.88
C LYS A 21 -4.27 -6.63 -8.33
N ARG A 22 -5.33 -7.25 -8.85
CA ARG A 22 -5.33 -7.72 -10.23
C ARG A 22 -6.12 -6.76 -11.11
N ARG A 23 -6.03 -5.47 -10.81
CA ARG A 23 -6.76 -4.46 -11.58
C ARG A 23 -5.95 -3.17 -11.67
N ALA A 24 -4.64 -3.29 -11.47
CA ALA A 24 -3.76 -2.13 -11.53
C ALA A 24 -3.14 -2.00 -12.92
N MET A 1 6.32 3.67 -5.27
CA MET A 1 7.35 2.99 -4.48
C MET A 1 7.59 3.74 -3.17
N ALA A 2 7.26 3.11 -2.05
CA ALA A 2 7.45 3.73 -0.74
C ALA A 2 8.72 3.18 -0.08
N PRO A 3 9.21 3.86 0.92
CA PRO A 3 10.44 3.44 1.66
C PRO A 3 10.19 2.20 2.52
N ARG A 4 9.31 1.32 2.03
CA ARG A 4 9.00 0.10 2.76
C ARG A 4 8.86 0.38 4.25
N GLY A 5 7.90 1.24 4.60
CA GLY A 5 7.68 1.58 6.00
C GLY A 5 6.22 1.93 6.25
N PHE A 6 5.84 3.16 5.89
CA PHE A 6 4.47 3.61 6.07
C PHE A 6 3.52 2.75 5.23
N SER A 7 3.66 2.82 3.92
CA SER A 7 2.81 2.05 3.03
C SER A 7 3.07 0.56 3.19
N CYS A 8 4.04 0.22 4.04
CA CYS A 8 4.38 -1.18 4.27
C CYS A 8 3.46 -1.80 5.32
N LEU A 9 3.34 -1.12 6.46
CA LEU A 9 2.48 -1.62 7.54
C LEU A 9 1.01 -1.50 7.15
N LEU A 10 0.72 -0.64 6.19
CA LEU A 10 -0.65 -0.45 5.74
C LEU A 10 -1.13 -1.68 4.97
N LEU A 11 -0.22 -2.31 4.26
CA LEU A 11 -0.55 -3.50 3.47
C LEU A 11 -0.62 -4.73 4.37
N LEU A 12 0.05 -4.66 5.52
CA LEU A 12 0.07 -5.78 6.45
C LEU A 12 -1.27 -5.85 7.20
N THR A 13 -2.23 -5.04 6.78
CA THR A 13 -3.53 -5.03 7.42
C THR A 13 -4.64 -4.96 6.37
N GLU A 15 -5.00 -2.02 3.90
CA GLU A 15 -5.46 -0.63 3.84
C GLU A 15 -5.05 -0.01 2.52
N ILE A 16 -3.77 -0.14 2.19
CA ILE A 16 -3.25 0.40 0.95
C ILE A 16 -3.55 -0.56 -0.20
N ASP A 17 -4.71 -1.21 -0.13
CA ASP A 17 -5.12 -2.15 -1.16
C ASP A 17 -6.08 -1.48 -2.14
N LEU A 18 -6.10 -0.15 -2.13
CA LEU A 18 -6.98 0.60 -3.02
C LEU A 18 -6.25 1.04 -4.29
N PRO A 19 -5.03 1.53 -4.17
CA PRO A 19 -4.25 1.99 -5.34
C PRO A 19 -3.53 0.85 -6.05
N VAL A 20 -4.08 -0.36 -5.93
CA VAL A 20 -3.48 -1.53 -6.55
C VAL A 20 -4.56 -2.48 -7.05
N LYS A 21 -5.69 -1.92 -7.47
CA LYS A 21 -6.81 -2.72 -7.96
C LYS A 21 -7.58 -1.98 -9.04
N ARG A 22 -8.42 -1.05 -8.62
CA ARG A 22 -9.22 -0.26 -9.57
C ARG A 22 -9.89 0.91 -8.85
N ARG A 23 -10.13 1.98 -9.60
CA ARG A 23 -10.77 3.17 -9.04
C ARG A 23 -12.26 3.19 -9.37
N ALA A 24 -13.05 3.76 -8.47
CA ALA A 24 -14.49 3.84 -8.68
C ALA A 24 -15.11 2.44 -8.76
N MET A 1 7.32 9.86 1.37
CA MET A 1 6.50 9.16 0.38
C MET A 1 6.82 7.67 0.38
N ALA A 2 6.07 6.90 1.15
CA ALA A 2 6.29 5.47 1.22
C ALA A 2 7.78 5.15 1.35
N PRO A 3 8.34 5.39 2.51
CA PRO A 3 9.77 5.15 2.79
C PRO A 3 10.04 3.70 3.16
N ARG A 4 9.31 2.79 2.52
CA ARG A 4 9.48 1.37 2.79
C ARG A 4 9.13 1.05 4.24
N GLY A 5 8.13 1.74 4.78
CA GLY A 5 7.71 1.52 6.15
C GLY A 5 6.25 1.89 6.34
N PHE A 6 5.98 3.19 6.48
CA PHE A 6 4.61 3.66 6.66
C PHE A 6 3.68 2.99 5.66
N SER A 7 3.99 3.11 4.38
CA SER A 7 3.17 2.51 3.34
C SER A 7 3.51 1.03 3.18
N CYS A 8 4.26 0.50 4.14
CA CYS A 8 4.64 -0.91 4.09
C CYS A 8 3.82 -1.72 5.10
N LEU A 9 3.53 -1.11 6.24
CA LEU A 9 2.75 -1.79 7.27
C LEU A 9 1.26 -1.74 6.96
N LEU A 10 0.87 -0.81 6.08
CA LEU A 10 -0.52 -0.65 5.70
C LEU A 10 -0.90 -1.72 4.67
N LEU A 11 0.11 -2.36 4.08
CA LEU A 11 -0.13 -3.39 3.09
C LEU A 11 -0.48 -4.72 3.78
N LEU A 12 -0.40 -4.72 5.10
CA LEU A 12 -0.70 -5.92 5.87
C LEU A 12 -2.08 -5.81 6.51
N THR A 13 -2.41 -4.60 6.96
CA THR A 13 -3.71 -4.36 7.59
C THR A 13 -4.82 -4.38 6.56
N GLU A 15 -5.09 -1.98 4.30
CA GLU A 15 -5.38 -0.58 4.00
C GLU A 15 -5.11 -0.28 2.54
N ILE A 16 -3.84 -0.39 2.13
CA ILE A 16 -3.47 -0.12 0.75
C ILE A 16 -3.87 -1.29 -0.14
N ASP A 17 -5.12 -1.71 -0.03
CA ASP A 17 -5.62 -2.83 -0.83
C ASP A 17 -6.43 -2.31 -2.02
N LEU A 18 -6.14 -1.08 -2.42
CA LEU A 18 -6.85 -0.48 -3.55
C LEU A 18 -6.06 -0.64 -4.85
N PRO A 19 -4.76 -0.45 -4.82
CA PRO A 19 -3.91 -0.57 -6.03
C PRO A 19 -3.47 -2.01 -6.28
N VAL A 20 -2.95 -2.66 -5.25
CA VAL A 20 -2.49 -4.04 -5.36
C VAL A 20 -3.69 -5.00 -5.46
N LYS A 21 -4.71 -4.57 -6.20
CA LYS A 21 -5.91 -5.39 -6.38
C LYS A 21 -5.77 -6.26 -7.62
N ARG A 22 -6.03 -5.66 -8.78
CA ARG A 22 -5.94 -6.38 -10.04
C ARG A 22 -6.98 -7.51 -10.09
N ARG A 23 -6.59 -8.63 -10.69
CA ARG A 23 -7.49 -9.77 -10.80
C ARG A 23 -7.42 -10.63 -9.55
N ALA A 24 -6.93 -11.86 -9.71
CA ALA A 24 -6.81 -12.78 -8.59
C ALA A 24 -5.38 -12.78 -8.05
N MET A 1 3.48 7.43 -3.95
CA MET A 1 4.42 6.33 -3.82
C MET A 1 4.27 5.65 -2.45
N ALA A 2 4.77 4.43 -2.36
CA ALA A 2 4.69 3.68 -1.10
C ALA A 2 5.99 2.93 -0.82
N PRO A 3 6.87 3.48 -0.02
CA PRO A 3 8.16 2.80 0.32
C PRO A 3 7.93 1.40 0.89
N ARG A 4 8.82 1.01 1.80
CA ARG A 4 8.72 -0.30 2.43
C ARG A 4 8.58 -0.15 3.95
N GLY A 5 7.72 0.77 4.36
CA GLY A 5 7.51 1.00 5.78
C GLY A 5 6.13 1.63 6.03
N PHE A 6 6.06 2.95 5.95
CA PHE A 6 4.80 3.65 6.17
C PHE A 6 3.66 2.95 5.42
N SER A 7 3.89 2.65 4.15
CA SER A 7 2.88 1.99 3.34
C SER A 7 2.90 0.48 3.58
N CYS A 8 3.97 0.00 4.19
CA CYS A 8 4.11 -1.43 4.48
C CYS A 8 3.21 -1.83 5.64
N LEU A 9 3.27 -1.06 6.72
CA LEU A 9 2.45 -1.36 7.90
C LEU A 9 0.98 -1.09 7.61
N LEU A 10 0.71 -0.35 6.54
CA LEU A 10 -0.67 -0.04 6.17
C LEU A 10 -1.20 -1.11 5.22
N LEU A 11 -0.32 -1.64 4.38
CA LEU A 11 -0.70 -2.67 3.43
C LEU A 11 -0.81 -4.03 4.12
N LEU A 12 0.24 -4.38 4.87
CA LEU A 12 0.25 -5.66 5.59
C LEU A 12 -1.09 -5.90 6.28
N THR A 13 -1.83 -4.83 6.52
CA THR A 13 -3.13 -4.94 7.18
C THR A 13 -4.23 -5.13 6.14
N GLU A 15 -5.06 -1.97 4.19
CA GLU A 15 -5.46 -0.60 3.89
C GLU A 15 -5.11 -0.25 2.45
N ILE A 16 -3.82 -0.24 2.13
CA ILE A 16 -3.38 0.08 0.78
C ILE A 16 -3.66 -1.09 -0.16
N ASP A 17 -4.91 -1.57 -0.17
CA ASP A 17 -5.29 -2.68 -1.03
C ASP A 17 -6.50 -2.31 -1.88
N LEU A 18 -7.00 -1.09 -1.70
CA LEU A 18 -8.16 -0.63 -2.46
C LEU A 18 -7.74 0.28 -3.62
N PRO A 19 -6.80 1.18 -3.41
CA PRO A 19 -6.34 2.11 -4.47
C PRO A 19 -5.28 1.48 -5.38
N VAL A 20 -4.83 0.28 -5.00
CA VAL A 20 -3.82 -0.42 -5.79
C VAL A 20 -4.46 -1.56 -6.57
N LYS A 21 -5.73 -1.39 -6.92
CA LYS A 21 -6.44 -2.41 -7.68
C LYS A 21 -7.65 -1.80 -8.38
N ARG A 22 -8.26 -0.80 -7.76
CA ARG A 22 -9.42 -0.15 -8.34
C ARG A 22 -9.02 0.65 -9.59
N ARG A 23 -9.52 0.21 -10.74
CA ARG A 23 -9.21 0.88 -12.00
C ARG A 23 -10.35 1.82 -12.39
N ALA A 24 -11.47 1.25 -12.81
CA ALA A 24 -12.62 2.06 -13.21
C ALA A 24 -13.91 1.25 -13.07
N MET A 1 7.69 5.74 -4.59
CA MET A 1 6.33 5.80 -4.09
C MET A 1 6.07 4.72 -3.06
N ALA A 2 5.36 5.07 -2.00
CA ALA A 2 5.05 4.12 -0.94
C ALA A 2 6.29 3.29 -0.58
N PRO A 3 7.01 3.65 0.44
CA PRO A 3 8.21 2.90 0.85
C PRO A 3 7.84 1.66 1.68
N ARG A 4 8.83 0.80 1.88
CA ARG A 4 8.61 -0.41 2.65
C ARG A 4 8.43 -0.09 4.13
N GLY A 5 7.68 0.98 4.40
CA GLY A 5 7.43 1.40 5.77
C GLY A 5 6.00 1.92 5.91
N PHE A 6 5.80 3.18 5.49
CA PHE A 6 4.49 3.79 5.57
C PHE A 6 3.45 2.91 4.89
N SER A 7 3.82 2.31 3.76
CA SER A 7 2.92 1.44 3.02
C SER A 7 2.96 0.03 3.58
N CYS A 8 4.11 -0.36 4.12
CA CYS A 8 4.28 -1.68 4.70
C CYS A 8 3.26 -1.93 5.81
N LEU A 9 3.13 -0.98 6.71
CA LEU A 9 2.18 -1.12 7.82
C LEU A 9 0.75 -1.15 7.30
N LEU A 10 0.51 -0.46 6.18
CA LEU A 10 -0.82 -0.41 5.59
C LEU A 10 -1.14 -1.74 4.90
N LEU A 11 -0.17 -2.26 4.16
CA LEU A 11 -0.36 -3.52 3.45
C LEU A 11 -0.46 -4.68 4.44
N LEU A 12 0.37 -4.63 5.48
CA LEU A 12 0.37 -5.68 6.49
C LEU A 12 -1.06 -6.02 6.91
N THR A 13 -1.95 -5.03 6.80
CA THR A 13 -3.35 -5.23 7.18
C THR A 13 -4.22 -5.32 5.93
N GLU A 15 -5.13 -1.91 4.34
CA GLU A 15 -5.76 -0.59 4.31
C GLU A 15 -5.64 0.03 2.93
N ILE A 16 -4.41 0.36 2.53
CA ILE A 16 -4.18 0.96 1.23
C ILE A 16 -3.73 -0.08 0.21
N ASP A 17 -4.65 -0.97 -0.17
CA ASP A 17 -4.33 -2.02 -1.14
C ASP A 17 -5.00 -1.72 -2.48
N LEU A 18 -5.27 -0.44 -2.73
CA LEU A 18 -5.91 -0.05 -3.98
C LEU A 18 -4.88 0.40 -5.01
N PRO A 19 -3.89 1.17 -4.62
CA PRO A 19 -2.84 1.65 -5.56
C PRO A 19 -1.74 0.62 -5.79
N VAL A 20 -1.35 -0.08 -4.73
CA VAL A 20 -0.31 -1.08 -4.83
C VAL A 20 -0.83 -2.33 -5.54
N LYS A 21 -1.69 -2.12 -6.53
CA LYS A 21 -2.26 -3.24 -7.28
C LYS A 21 -1.23 -3.80 -8.26
N ARG A 22 -0.53 -2.92 -8.94
CA ARG A 22 0.48 -3.34 -9.91
C ARG A 22 1.87 -3.26 -9.31
N ARG A 23 2.87 -3.70 -10.06
CA ARG A 23 4.25 -3.68 -9.59
C ARG A 23 4.93 -2.38 -9.99
N ALA A 24 5.61 -1.74 -9.03
CA ALA A 24 6.30 -0.49 -9.30
C ALA A 24 7.62 -0.75 -10.03
N MET A 1 7.85 0.93 -3.99
CA MET A 1 7.08 2.14 -3.75
C MET A 1 7.09 2.50 -2.26
N ALA A 2 6.89 3.78 -1.95
CA ALA A 2 6.87 4.22 -0.57
C ALA A 2 8.19 3.85 0.13
N PRO A 3 8.47 4.47 1.23
CA PRO A 3 9.72 4.21 2.01
C PRO A 3 9.70 2.83 2.67
N ARG A 4 9.10 1.86 1.98
CA ARG A 4 9.01 0.51 2.50
C ARG A 4 8.69 0.53 3.99
N GLY A 5 7.81 1.44 4.38
CA GLY A 5 7.41 1.55 5.78
C GLY A 5 5.96 1.99 5.91
N PHE A 6 5.70 3.26 5.64
CA PHE A 6 4.35 3.80 5.72
C PHE A 6 3.37 2.89 4.99
N SER A 7 3.73 2.49 3.78
CA SER A 7 2.87 1.62 2.98
C SER A 7 3.11 0.15 3.35
N CYS A 8 4.12 -0.08 4.19
CA CYS A 8 4.44 -1.44 4.62
C CYS A 8 3.53 -1.87 5.75
N LEU A 9 3.30 -0.98 6.71
CA LEU A 9 2.44 -1.28 7.85
C LEU A 9 0.98 -1.33 7.43
N LEU A 10 0.67 -0.64 6.33
CA LEU A 10 -0.70 -0.61 5.82
C LEU A 10 -1.00 -1.88 5.04
N LEU A 11 0.00 -2.39 4.34
CA LEU A 11 -0.17 -3.61 3.55
C LEU A 11 -0.43 -4.81 4.45
N LEU A 12 0.23 -4.83 5.61
CA LEU A 12 0.06 -5.92 6.55
C LEU A 12 -1.30 -5.82 7.25
N THR A 13 -2.20 -5.05 6.67
CA THR A 13 -3.53 -4.88 7.26
C THR A 13 -4.58 -4.80 6.16
N GLU A 15 -5.00 -2.07 3.88
CA GLU A 15 -5.55 -0.72 3.88
C GLU A 15 -5.13 0.00 2.61
N ILE A 16 -3.85 -0.11 2.28
CA ILE A 16 -3.31 0.52 1.09
C ILE A 16 -3.63 -0.32 -0.14
N ASP A 17 -4.81 -0.94 -0.13
CA ASP A 17 -5.24 -1.79 -1.24
C ASP A 17 -6.20 -1.01 -2.14
N LEU A 18 -6.02 0.30 -2.18
CA LEU A 18 -6.87 1.15 -3.01
C LEU A 18 -6.20 1.49 -4.34
N PRO A 19 -4.92 1.79 -4.34
CA PRO A 19 -4.19 2.14 -5.59
C PRO A 19 -3.75 0.92 -6.37
N VAL A 20 -4.48 -0.18 -6.19
CA VAL A 20 -4.16 -1.43 -6.89
C VAL A 20 -5.19 -1.69 -7.97
N LYS A 21 -5.75 -0.62 -8.52
CA LYS A 21 -6.76 -0.74 -9.57
C LYS A 21 -6.60 0.39 -10.59
N ARG A 22 -7.45 1.41 -10.47
CA ARG A 22 -7.40 2.55 -11.38
C ARG A 22 -8.13 3.74 -10.77
N ARG A 23 -7.76 4.94 -11.21
CA ARG A 23 -8.41 6.15 -10.70
C ARG A 23 -9.61 6.52 -11.56
N ALA A 24 -9.36 6.73 -12.85
CA ALA A 24 -10.44 7.08 -13.78
C ALA A 24 -11.22 5.85 -14.19
N MET A 1 6.00 7.38 -2.25
CA MET A 1 6.56 7.30 -0.90
C MET A 1 6.31 5.93 -0.30
N ALA A 2 7.33 5.08 -0.33
CA ALA A 2 7.22 3.73 0.22
C ALA A 2 8.60 3.18 0.59
N PRO A 3 9.16 3.68 1.65
CA PRO A 3 10.49 3.24 2.14
C PRO A 3 10.41 1.98 2.99
N ARG A 4 9.50 1.08 2.62
CA ARG A 4 9.33 -0.16 3.35
C ARG A 4 8.91 0.11 4.79
N GLY A 5 7.97 1.05 4.95
CA GLY A 5 7.49 1.39 6.28
C GLY A 5 6.04 1.88 6.22
N PHE A 6 5.87 3.17 5.97
CA PHE A 6 4.53 3.76 5.89
C PHE A 6 3.62 2.88 5.03
N SER A 7 4.02 2.68 3.77
CA SER A 7 3.23 1.87 2.86
C SER A 7 3.46 0.39 3.12
N CYS A 8 4.09 0.09 4.26
CA CYS A 8 4.37 -1.29 4.62
C CYS A 8 3.39 -1.77 5.69
N LEU A 9 3.13 -0.91 6.67
CA LEU A 9 2.21 -1.26 7.76
C LEU A 9 0.77 -1.26 7.25
N LEU A 10 0.53 -0.55 6.15
CA LEU A 10 -0.81 -0.48 5.58
C LEU A 10 -1.16 -1.78 4.86
N LEU A 11 -0.20 -2.30 4.10
CA LEU A 11 -0.41 -3.54 3.37
C LEU A 11 -0.48 -4.73 4.33
N LEU A 12 0.27 -4.64 5.42
CA LEU A 12 0.28 -5.72 6.40
C LEU A 12 -1.03 -5.76 7.17
N THR A 13 -2.01 -4.99 6.70
CA THR A 13 -3.32 -4.94 7.34
C THR A 13 -4.43 -4.88 6.29
N GLU A 15 -4.89 -2.09 3.94
CA GLU A 15 -5.41 -0.74 3.92
C GLU A 15 -5.11 -0.09 2.58
N ILE A 16 -3.87 -0.27 2.12
CA ILE A 16 -3.44 0.29 0.85
C ILE A 16 -3.94 -0.60 -0.29
N ASP A 17 -5.14 -1.13 -0.14
CA ASP A 17 -5.72 -1.99 -1.16
C ASP A 17 -6.66 -1.20 -2.07
N LEU A 18 -6.35 0.08 -2.26
CA LEU A 18 -7.18 0.93 -3.10
C LEU A 18 -6.63 1.00 -4.53
N PRO A 19 -5.33 1.12 -4.71
CA PRO A 19 -4.71 1.19 -6.06
C PRO A 19 -4.46 -0.19 -6.65
N VAL A 20 -4.27 -1.18 -5.78
CA VAL A 20 -4.02 -2.54 -6.23
C VAL A 20 -5.29 -3.39 -6.11
N LYS A 21 -6.39 -2.87 -6.64
CA LYS A 21 -7.66 -3.58 -6.59
C LYS A 21 -7.80 -4.52 -7.79
N ARG A 22 -7.77 -3.94 -8.98
CA ARG A 22 -7.90 -4.72 -10.20
C ARG A 22 -6.61 -5.50 -10.47
N ARG A 23 -6.10 -5.40 -11.70
CA ARG A 23 -4.88 -6.09 -12.07
C ARG A 23 -4.94 -7.55 -11.63
N ALA A 24 -3.77 -8.15 -11.41
CA ALA A 24 -3.71 -9.54 -10.99
C ALA A 24 -2.45 -9.79 -10.16
N MET A 1 4.74 2.73 -6.64
CA MET A 1 5.87 3.56 -6.23
C MET A 1 5.70 4.02 -4.79
N ALA A 2 5.41 3.07 -3.90
CA ALA A 2 5.22 3.38 -2.49
C ALA A 2 6.51 3.10 -1.70
N PRO A 3 6.62 3.65 -0.52
CA PRO A 3 7.82 3.44 0.34
C PRO A 3 7.91 2.02 0.87
N ARG A 4 8.79 1.82 1.86
CA ARG A 4 8.96 0.49 2.45
C ARG A 4 8.68 0.54 3.95
N GLY A 5 7.73 1.37 4.34
CA GLY A 5 7.37 1.51 5.75
C GLY A 5 5.93 1.97 5.91
N PHE A 6 5.71 3.26 5.73
CA PHE A 6 4.36 3.82 5.86
C PHE A 6 3.36 2.97 5.07
N SER A 7 3.75 2.56 3.88
CA SER A 7 2.88 1.74 3.05
C SER A 7 3.09 0.25 3.33
N CYS A 8 4.12 -0.03 4.12
CA CYS A 8 4.43 -1.43 4.47
C CYS A 8 3.54 -1.90 5.61
N LEU A 9 3.28 -1.02 6.57
CA LEU A 9 2.44 -1.38 7.70
C LEU A 9 0.97 -1.35 7.31
N LEU A 10 0.64 -0.63 6.24
CA LEU A 10 -0.73 -0.55 5.78
C LEU A 10 -1.07 -1.76 4.91
N LEU A 11 -0.05 -2.39 4.34
CA LEU A 11 -0.25 -3.56 3.50
C LEU A 11 -0.41 -4.81 4.35
N LEU A 12 0.06 -4.74 5.59
CA LEU A 12 -0.03 -5.88 6.49
C LEU A 12 -1.45 -6.05 7.01
N THR A 13 -2.22 -4.96 7.00
CA THR A 13 -3.60 -5.00 7.47
C THR A 13 -4.56 -5.03 6.29
N GLU A 15 -4.98 -1.99 3.98
CA GLU A 15 -5.57 -0.66 3.89
C GLU A 15 -5.07 0.04 2.63
N ILE A 16 -3.81 -0.21 2.29
CA ILE A 16 -3.22 0.38 1.11
C ILE A 16 -3.53 -0.46 -0.12
N ASP A 17 -4.74 -1.02 -0.15
CA ASP A 17 -5.17 -1.85 -1.27
C ASP A 17 -5.87 -0.98 -2.31
N LEU A 18 -5.24 0.14 -2.67
CA LEU A 18 -5.82 1.06 -3.64
C LEU A 18 -5.09 0.98 -4.99
N PRO A 19 -3.78 0.88 -4.99
CA PRO A 19 -3.00 0.80 -6.26
C PRO A 19 -2.99 -0.62 -6.83
N VAL A 20 -4.02 -1.39 -6.50
CA VAL A 20 -4.13 -2.76 -6.98
C VAL A 20 -5.45 -2.94 -7.74
N LYS A 21 -5.92 -1.87 -8.35
CA LYS A 21 -7.17 -1.90 -9.09
C LYS A 21 -6.99 -1.25 -10.46
N ARG A 22 -6.03 -0.33 -10.56
CA ARG A 22 -5.77 0.35 -11.81
C ARG A 22 -5.10 -0.59 -12.81
N ARG A 23 -5.89 -1.16 -13.71
CA ARG A 23 -5.36 -2.07 -14.72
C ARG A 23 -4.50 -1.32 -15.74
N ALA A 24 -5.10 -0.34 -16.40
CA ALA A 24 -4.39 0.45 -17.40
C ALA A 24 -3.94 1.78 -16.80
N MET A 1 6.39 11.06 6.75
CA MET A 1 6.44 10.92 5.31
C MET A 1 7.68 10.16 4.88
N ALA A 2 7.60 8.84 4.90
CA ALA A 2 8.73 7.99 4.51
C ALA A 2 8.25 6.58 4.18
N PRO A 3 8.08 6.25 2.92
CA PRO A 3 7.65 4.88 2.51
C PRO A 3 8.58 3.81 3.05
N ARG A 4 8.74 2.74 2.28
CA ARG A 4 9.61 1.64 2.68
C ARG A 4 9.29 1.20 4.11
N GLY A 5 8.14 1.64 4.62
CA GLY A 5 7.72 1.29 5.97
C GLY A 5 6.28 1.74 6.22
N PHE A 6 6.08 3.05 6.27
CA PHE A 6 4.75 3.59 6.51
C PHE A 6 3.74 2.95 5.58
N SER A 7 3.95 3.09 4.27
CA SER A 7 3.05 2.51 3.29
C SER A 7 3.28 1.01 3.16
N CYS A 8 4.06 0.46 4.09
CA CYS A 8 4.36 -0.97 4.08
C CYS A 8 3.54 -1.71 5.12
N LEU A 9 3.42 -1.11 6.30
CA LEU A 9 2.66 -1.72 7.39
C LEU A 9 1.16 -1.58 7.14
N LEU A 10 0.80 -0.68 6.22
CA LEU A 10 -0.60 -0.46 5.90
C LEU A 10 -1.08 -1.49 4.89
N LEU A 11 -0.13 -2.12 4.19
CA LEU A 11 -0.47 -3.13 3.20
C LEU A 11 -0.89 -4.44 3.88
N LEU A 12 -0.20 -4.79 4.95
CA LEU A 12 -0.52 -6.01 5.69
C LEU A 12 -1.95 -5.96 6.22
N THR A 13 -2.24 -4.93 7.00
CA THR A 13 -3.57 -4.77 7.56
C THR A 13 -4.64 -4.91 6.48
N GLU A 15 -5.17 -1.81 4.47
CA GLU A 15 -5.44 -0.42 4.15
C GLU A 15 -5.22 -0.14 2.66
N ILE A 16 -3.96 -0.18 2.24
CA ILE A 16 -3.62 0.08 0.85
C ILE A 16 -3.67 -1.21 0.03
N ASP A 17 -4.87 -1.76 -0.11
CA ASP A 17 -5.06 -2.98 -0.87
C ASP A 17 -5.56 -2.68 -2.28
N LEU A 18 -6.50 -1.75 -2.37
CA LEU A 18 -7.07 -1.36 -3.67
C LEU A 18 -6.41 -0.10 -4.20
N PRO A 19 -6.15 0.87 -3.36
CA PRO A 19 -5.52 2.15 -3.79
C PRO A 19 -4.02 1.99 -4.01
N VAL A 20 -3.57 0.74 -4.10
CA VAL A 20 -2.16 0.46 -4.32
C VAL A 20 -1.86 0.42 -5.82
N LYS A 21 -2.64 1.16 -6.58
CA LYS A 21 -2.48 1.22 -8.03
C LYS A 21 -2.78 2.61 -8.57
N ARG A 22 -3.90 3.18 -8.11
CA ARG A 22 -4.30 4.51 -8.55
C ARG A 22 -4.89 5.29 -7.38
N ARG A 23 -4.45 6.54 -7.24
CA ARG A 23 -4.93 7.39 -6.16
C ARG A 23 -6.21 8.11 -6.59
N ALA A 24 -7.03 7.44 -7.38
CA ALA A 24 -8.27 8.03 -7.86
C ALA A 24 -8.04 9.45 -8.36
#